data_4O16
#
_entry.id   4O16
#
_cell.length_a   84.671
_cell.length_b   107.360
_cell.length_c   52.780
_cell.angle_alpha   90.00
_cell.angle_beta   90.00
_cell.angle_gamma   90.00
#
_symmetry.space_group_name_H-M   'P 21 21 2'
#
loop_
_entity.id
_entity.type
_entity.pdbx_description
1 polymer 'Nicotinamide phosphoribosyltransferase'
2 non-polymer 6-({4-[(3,5-difluorophenyl)sulfonyl]benzyl}carbamoyl)-1-(5-O-phosphono-beta-D-ribofuranosyl)imidazo[1,2-a]pyridin-1-ium
3 non-polymer 'PHOSPHATE ION'
4 non-polymer 1,2-ETHANEDIOL
5 water water
#
_entity_poly.entity_id   1
_entity_poly.type   'polypeptide(L)'
_entity_poly.pdbx_seq_one_letter_code
;MNPAAEAEFNILLATDSYKVTHYKQYPPNTSKVYSYFECREKKTENSKLRKVKYEETVFYGLQYILNKYLKGKVVTKEKI
QEAKDVYKEHFQDDVFNEKGWNYILEKYDGHLPIEIKAVPEGFVIPRGNVLFTVENTDPECYWLTNWIETILVQSWYPIT
VATNFREQKKILAKYLLETSGNLDGLEYKLHDFGYRGVSSQETAGIGASAHLVNFKGTDTVAGLALIKKYYGTKDPVPGY
SVPAAEHSTITAWGKDHEKDAFEHIVTQFSSVPVSVVSDSYDIYNACEKIWGEDLRHLIVSRSTQAPLIIRPDSGNPLDT
VLKVLEILGKKFPVTENSKGYKLLPPYLRVIQGDGVDINTLQEIVEGMKQKMWSIENIAFGSGGGLLQKLTRDLLNCSFK
CSYVVTNGLGINVFKDPVADPNKRSKKGRLSLHRTPAGNFVTLEEGKGDLEEYGQDLLHTVFKNGKVTKSYSFDEIRKNA
QLNIELEAAHHLEHHHHHHHH
;
_entity_poly.pdbx_strand_id   A
#
# COMPACT_ATOMS: atom_id res chain seq x y z
N GLU A 8 -4.67 -5.91 -25.19
CA GLU A 8 -5.20 -4.74 -24.48
C GLU A 8 -6.44 -5.08 -23.65
N PHE A 9 -6.77 -4.19 -22.73
CA PHE A 9 -7.73 -4.46 -21.66
C PHE A 9 -9.19 -4.27 -22.11
N ASN A 10 -10.05 -5.24 -21.80
CA ASN A 10 -11.48 -5.13 -22.11
C ASN A 10 -12.30 -5.20 -20.82
N ILE A 11 -12.93 -4.09 -20.42
CA ILE A 11 -13.70 -4.03 -19.16
C ILE A 11 -14.87 -5.03 -19.17
N LEU A 12 -15.36 -5.38 -20.35
CA LEU A 12 -16.40 -6.38 -20.48
C LEU A 12 -15.95 -7.78 -20.08
N LEU A 13 -14.63 -7.98 -20.07
CA LEU A 13 -14.04 -9.27 -19.66
C LEU A 13 -13.32 -9.17 -18.32
N ALA A 14 -13.58 -8.11 -17.56
CA ALA A 14 -12.84 -7.89 -16.32
C ALA A 14 -13.79 -7.89 -15.12
N THR A 15 -14.63 -8.90 -15.07
CA THR A 15 -15.52 -9.11 -13.94
C THR A 15 -15.56 -10.61 -13.64
N ASP A 16 -16.12 -10.99 -12.48
CA ASP A 16 -16.39 -12.41 -12.20
C ASP A 16 -17.44 -12.90 -13.18
N SER A 17 -17.25 -14.11 -13.70
CA SER A 17 -18.17 -14.66 -14.72
C SER A 17 -19.63 -14.57 -14.35
N TYR A 18 -19.99 -14.94 -13.12
CA TYR A 18 -21.42 -14.91 -12.77
C TYR A 18 -22.11 -13.57 -12.89
N LYS A 19 -21.35 -12.49 -12.77
CA LYS A 19 -21.90 -11.14 -12.87
C LYS A 19 -22.41 -10.84 -14.29
N VAL A 20 -21.92 -11.60 -15.29
CA VAL A 20 -22.47 -11.49 -16.65
C VAL A 20 -23.99 -11.78 -16.64
N THR A 21 -24.44 -12.59 -15.68
CA THR A 21 -25.82 -13.08 -15.66
C THR A 21 -26.74 -12.32 -14.73
N HIS A 22 -26.20 -11.34 -14.01
CA HIS A 22 -26.95 -10.67 -12.96
C HIS A 22 -28.00 -9.68 -13.46
N TYR A 23 -27.81 -9.13 -14.66
CA TYR A 23 -28.79 -8.14 -15.14
C TYR A 23 -30.19 -8.76 -15.21
N LYS A 24 -30.25 -10.07 -15.42
CA LYS A 24 -31.54 -10.81 -15.45
C LYS A 24 -32.17 -11.08 -14.09
N GLN A 25 -31.44 -10.79 -13.00
CA GLN A 25 -31.80 -11.32 -11.68
C GLN A 25 -32.37 -10.29 -10.70
N TYR A 26 -32.10 -9.02 -10.94
CA TYR A 26 -32.59 -7.95 -10.11
C TYR A 26 -34.12 -7.88 -10.25
N PRO A 27 -34.80 -7.25 -9.29
CA PRO A 27 -36.26 -7.11 -9.45
C PRO A 27 -36.56 -6.27 -10.70
N PRO A 28 -37.60 -6.65 -11.46
CA PRO A 28 -38.01 -5.86 -12.64
C PRO A 28 -38.22 -4.38 -12.33
N ASN A 29 -37.86 -3.51 -13.27
CA ASN A 29 -38.05 -2.06 -13.13
C ASN A 29 -37.22 -1.51 -11.97
N THR A 30 -35.97 -2.00 -11.87
CA THR A 30 -35.04 -1.43 -10.93
C THR A 30 -34.21 -0.39 -11.68
N SER A 31 -34.24 0.85 -11.20
CA SER A 31 -33.60 1.97 -11.89
C SER A 31 -32.30 2.45 -11.23
N LYS A 32 -32.05 2.01 -9.99
CA LYS A 32 -30.82 2.34 -9.29
C LYS A 32 -30.34 1.13 -8.45
N VAL A 33 -29.05 0.85 -8.55
CA VAL A 33 -28.38 -0.06 -7.62
C VAL A 33 -27.23 0.77 -7.08
N TYR A 34 -27.16 0.87 -5.75
CA TYR A 34 -26.21 1.72 -5.07
C TYR A 34 -25.47 0.83 -4.08
N SER A 35 -24.14 0.87 -4.14
CA SER A 35 -23.32 -0.03 -3.33
C SER A 35 -22.19 0.75 -2.68
N TYR A 36 -21.52 0.15 -1.71
CA TYR A 36 -20.53 0.89 -0.92
C TYR A 36 -19.42 -0.08 -0.51
N PHE A 37 -18.26 0.48 -0.21
CA PHE A 37 -17.09 -0.26 0.24
C PHE A 37 -16.74 0.25 1.64
N GLU A 38 -16.40 -0.67 2.53
CA GLU A 38 -15.91 -0.30 3.86
C GLU A 38 -14.89 -1.35 4.29
N CYS A 39 -14.10 -1.02 5.32
CA CYS A 39 -13.25 -1.99 6.02
C CYS A 39 -13.98 -2.29 7.32
N ARG A 40 -14.82 -3.32 7.27
CA ARG A 40 -15.77 -3.65 8.33
C ARG A 40 -15.09 -3.76 9.70
N GLU A 41 -15.80 -3.39 10.75
CA GLU A 41 -15.28 -3.53 12.10
C GLU A 41 -15.17 -4.99 12.51
N LYS A 42 -14.30 -5.26 13.48
CA LYS A 42 -14.14 -6.59 14.05
C LYS A 42 -13.59 -7.60 13.04
N LYS A 53 -6.18 -3.51 17.01
CA LYS A 53 -4.99 -3.78 16.20
C LYS A 53 -4.91 -2.85 14.98
N TYR A 54 -5.68 -3.13 13.94
CA TYR A 54 -5.78 -2.21 12.80
C TYR A 54 -7.06 -1.39 12.90
N GLU A 55 -7.06 -0.40 13.78
CA GLU A 55 -8.30 0.32 14.08
C GLU A 55 -8.65 1.43 13.08
N GLU A 56 -7.64 1.91 12.35
CA GLU A 56 -7.86 2.92 11.32
C GLU A 56 -7.14 2.52 10.06
N THR A 57 -7.68 2.92 8.92
CA THR A 57 -7.09 2.50 7.64
C THR A 57 -6.76 3.74 6.82
N VAL A 58 -5.75 3.63 5.97
CA VAL A 58 -5.41 4.69 5.04
C VAL A 58 -6.15 4.40 3.74
N PHE A 59 -7.04 5.29 3.34
CA PHE A 59 -7.76 5.08 2.08
C PHE A 59 -6.85 5.49 0.93
N TYR A 60 -6.43 4.52 0.12
CA TYR A 60 -5.53 4.86 -0.97
C TYR A 60 -5.68 3.88 -2.13
N GLY A 61 -5.59 4.37 -3.38
CA GLY A 61 -5.45 3.48 -4.54
C GLY A 61 -6.56 3.48 -5.58
N LEU A 62 -7.71 4.03 -5.20
CA LEU A 62 -8.87 4.06 -6.08
C LEU A 62 -8.58 4.85 -7.36
N GLN A 63 -7.83 5.95 -7.20
CA GLN A 63 -7.54 6.82 -8.34
C GLN A 63 -6.78 6.08 -9.44
N TYR A 64 -5.89 5.18 -9.04
CA TYR A 64 -5.16 4.36 -10.00
C TYR A 64 -6.15 3.57 -10.84
N ILE A 65 -7.09 2.91 -10.18
CA ILE A 65 -8.10 2.13 -10.85
C ILE A 65 -9.01 2.97 -11.75
N LEU A 66 -9.44 4.14 -11.26
CA LEU A 66 -10.30 5.00 -12.06
C LEU A 66 -9.65 5.36 -13.39
N ASN A 67 -8.40 5.76 -13.30
CA ASN A 67 -7.69 6.24 -14.47
C ASN A 67 -7.27 5.15 -15.43
N LYS A 68 -6.74 4.04 -14.90
CA LYS A 68 -6.25 2.98 -15.79
C LYS A 68 -7.36 2.20 -16.44
N TYR A 69 -8.41 1.92 -15.67
CA TYR A 69 -9.41 0.99 -16.12
C TYR A 69 -10.79 1.54 -16.45
N LEU A 70 -11.22 2.62 -15.78
CA LEU A 70 -12.65 2.97 -15.82
C LEU A 70 -12.99 4.20 -16.66
N LYS A 71 -12.02 5.10 -16.83
CA LYS A 71 -12.34 6.37 -17.48
C LYS A 71 -12.30 6.34 -19.01
N GLY A 72 -13.05 7.27 -19.60
CA GLY A 72 -13.01 7.48 -21.03
C GLY A 72 -13.87 6.49 -21.78
N LYS A 73 -13.59 6.30 -23.06
CA LYS A 73 -14.35 5.36 -23.87
C LYS A 73 -13.83 3.95 -23.65
N VAL A 74 -14.43 3.22 -22.70
CA VAL A 74 -13.95 1.89 -22.33
C VAL A 74 -14.77 0.82 -23.01
N VAL A 75 -15.79 1.25 -23.73
CA VAL A 75 -16.62 0.32 -24.49
C VAL A 75 -16.51 0.65 -25.98
N THR A 76 -16.20 -0.34 -26.79
CA THR A 76 -16.18 -0.21 -28.25
C THR A 76 -16.93 -1.38 -28.86
N LYS A 77 -17.31 -1.26 -30.12
CA LYS A 77 -18.03 -2.34 -30.79
C LYS A 77 -17.21 -3.64 -30.81
N GLU A 78 -15.90 -3.51 -31.02
CA GLU A 78 -15.03 -4.68 -31.09
C GLU A 78 -14.95 -5.37 -29.73
N LYS A 79 -14.91 -4.56 -28.68
CA LYS A 79 -14.85 -5.10 -27.31
C LYS A 79 -16.15 -5.83 -26.98
N ILE A 80 -17.29 -5.26 -27.40
CA ILE A 80 -18.58 -5.96 -27.30
C ILE A 80 -18.57 -7.31 -28.06
N GLN A 81 -18.10 -7.31 -29.31
CA GLN A 81 -18.06 -8.58 -30.05
C GLN A 81 -17.05 -9.54 -29.46
N GLU A 82 -15.93 -9.03 -28.96
CA GLU A 82 -14.96 -9.91 -28.31
C GLU A 82 -15.59 -10.62 -27.12
N ALA A 83 -16.28 -9.86 -26.26
CA ALA A 83 -16.88 -10.46 -25.08
C ALA A 83 -18.00 -11.41 -25.46
N LYS A 84 -18.77 -11.06 -26.48
CA LYS A 84 -19.88 -11.93 -26.88
C LYS A 84 -19.35 -13.31 -27.27
N ASP A 85 -18.23 -13.33 -27.99
CA ASP A 85 -17.66 -14.59 -28.48
C ASP A 85 -17.06 -15.43 -27.34
N VAL A 86 -16.31 -14.77 -26.44
CA VAL A 86 -15.76 -15.44 -25.26
C VAL A 86 -16.87 -16.05 -24.40
N TYR A 87 -17.87 -15.25 -24.05
CA TYR A 87 -18.93 -15.71 -23.16
C TYR A 87 -19.82 -16.80 -23.77
N LYS A 88 -20.02 -16.75 -25.09
CA LYS A 88 -20.78 -17.82 -25.73
C LYS A 88 -20.11 -19.17 -25.48
N GLU A 89 -18.78 -19.20 -25.56
CA GLU A 89 -18.01 -20.44 -25.35
C GLU A 89 -17.86 -20.74 -23.86
N HIS A 90 -17.54 -19.71 -23.08
CA HIS A 90 -17.37 -19.85 -21.62
C HIS A 90 -18.62 -20.40 -20.89
N PHE A 91 -19.81 -19.91 -21.27
CA PHE A 91 -21.06 -20.40 -20.68
C PHE A 91 -21.75 -21.48 -21.51
N GLN A 92 -21.25 -21.74 -22.72
CA GLN A 92 -21.86 -22.69 -23.66
C GLN A 92 -23.32 -22.32 -23.88
N ASP A 93 -23.55 -21.02 -23.99
CA ASP A 93 -24.90 -20.48 -24.11
C ASP A 93 -24.80 -18.98 -24.39
N ASP A 94 -25.89 -18.38 -24.86
CA ASP A 94 -25.92 -16.94 -25.07
C ASP A 94 -26.56 -16.29 -23.86
N VAL A 95 -25.73 -15.85 -22.91
CA VAL A 95 -26.28 -15.14 -21.76
C VAL A 95 -25.78 -13.70 -21.70
N PHE A 96 -24.65 -13.42 -22.34
CA PHE A 96 -24.06 -12.08 -22.35
C PHE A 96 -25.07 -11.00 -22.79
N ASN A 97 -25.10 -9.89 -22.05
CA ASN A 97 -26.04 -8.78 -22.25
C ASN A 97 -25.53 -7.81 -23.32
N GLU A 98 -25.54 -8.26 -24.58
CA GLU A 98 -25.10 -7.41 -25.67
C GLU A 98 -25.87 -6.07 -25.73
N LYS A 99 -27.18 -6.12 -25.55
CA LYS A 99 -28.02 -4.94 -25.65
C LYS A 99 -27.61 -3.85 -24.66
N GLY A 100 -27.36 -4.26 -23.41
CA GLY A 100 -26.99 -3.33 -22.39
C GLY A 100 -25.71 -2.56 -22.69
N TRP A 101 -24.70 -3.26 -23.19
CA TRP A 101 -23.42 -2.63 -23.51
C TRP A 101 -23.51 -1.78 -24.78
N ASN A 102 -24.26 -2.24 -25.77
CA ASN A 102 -24.62 -1.42 -26.94
C ASN A 102 -25.21 -0.07 -26.56
N TYR A 103 -26.15 -0.11 -25.61
CA TYR A 103 -26.80 1.10 -25.12
C TYR A 103 -25.74 2.06 -24.59
N ILE A 104 -24.79 1.55 -23.82
CA ILE A 104 -23.75 2.43 -23.31
C ILE A 104 -22.92 3.03 -24.43
N LEU A 105 -22.49 2.17 -25.36
CA LEU A 105 -21.71 2.60 -26.50
C LEU A 105 -22.40 3.73 -27.27
N GLU A 106 -23.70 3.58 -27.51
CA GLU A 106 -24.44 4.51 -28.39
C GLU A 106 -24.83 5.82 -27.72
N LYS A 107 -25.31 5.74 -26.49
CA LYS A 107 -25.83 6.90 -25.79
C LYS A 107 -24.73 7.71 -25.13
N TYR A 108 -23.66 7.04 -24.70
CA TYR A 108 -22.64 7.69 -23.88
C TYR A 108 -21.26 7.61 -24.52
N ASP A 109 -21.23 7.20 -25.79
CA ASP A 109 -19.97 7.06 -26.51
C ASP A 109 -19.02 6.16 -25.71
N GLY A 110 -19.55 5.05 -25.20
CA GLY A 110 -18.74 4.09 -24.48
C GLY A 110 -18.19 4.53 -23.14
N HIS A 111 -18.70 5.66 -22.61
CA HIS A 111 -18.35 6.12 -21.25
C HIS A 111 -19.30 5.49 -20.23
N LEU A 112 -18.79 5.15 -19.05
CA LEU A 112 -19.61 4.42 -18.09
C LEU A 112 -20.56 5.35 -17.32
N PRO A 113 -21.89 5.12 -17.41
CA PRO A 113 -22.82 5.96 -16.63
C PRO A 113 -22.87 5.55 -15.16
N ILE A 114 -21.83 5.94 -14.44
CA ILE A 114 -21.62 5.56 -13.05
C ILE A 114 -21.16 6.79 -12.32
N GLU A 115 -21.53 6.92 -11.05
CA GLU A 115 -20.99 7.97 -10.22
C GLU A 115 -20.37 7.29 -9.01
N ILE A 116 -19.11 7.64 -8.73
CA ILE A 116 -18.41 7.13 -7.57
C ILE A 116 -18.04 8.32 -6.67
N LYS A 117 -18.42 8.20 -5.40
CA LYS A 117 -18.07 9.20 -4.40
C LYS A 117 -17.15 8.57 -3.37
N ALA A 118 -16.10 9.28 -2.95
CA ALA A 118 -15.08 8.65 -2.11
C ALA A 118 -14.47 9.61 -1.11
N VAL A 119 -13.98 9.08 0.01
CA VAL A 119 -13.25 9.87 0.97
C VAL A 119 -11.90 10.22 0.33
N PRO A 120 -11.30 11.38 0.68
CA PRO A 120 -10.05 11.74 -0.02
C PRO A 120 -8.91 10.71 0.15
N GLU A 121 -8.13 10.51 -0.91
CA GLU A 121 -7.00 9.59 -0.83
C GLU A 121 -5.97 10.05 0.18
N GLY A 122 -5.50 9.10 0.97
CA GLY A 122 -4.56 9.37 2.05
C GLY A 122 -5.27 9.57 3.38
N PHE A 123 -6.59 9.77 3.36
CA PHE A 123 -7.33 9.93 4.62
C PHE A 123 -7.18 8.72 5.52
N VAL A 124 -7.02 8.98 6.80
CA VAL A 124 -6.90 7.93 7.82
C VAL A 124 -8.24 7.86 8.54
N ILE A 125 -8.92 6.73 8.36
CA ILE A 125 -10.32 6.58 8.78
C ILE A 125 -10.52 5.34 9.66
N PRO A 126 -11.22 5.49 10.79
CA PRO A 126 -11.57 4.31 11.58
C PRO A 126 -12.37 3.26 10.78
N ARG A 127 -12.18 1.99 11.17
CA ARG A 127 -12.91 0.87 10.60
C ARG A 127 -14.42 1.07 10.73
N GLY A 128 -15.16 0.46 9.81
CA GLY A 128 -16.61 0.48 9.86
C GLY A 128 -17.24 1.73 9.30
N ASN A 129 -16.47 2.48 8.51
CA ASN A 129 -17.00 3.67 7.84
C ASN A 129 -17.06 3.51 6.34
N VAL A 130 -18.04 4.18 5.71
CA VAL A 130 -18.09 4.18 4.27
C VAL A 130 -16.84 4.84 3.71
N LEU A 131 -16.14 4.16 2.78
CA LEU A 131 -14.99 4.73 2.11
C LEU A 131 -15.30 5.24 0.69
N PHE A 132 -16.08 4.47 -0.04
CA PHE A 132 -16.65 4.94 -1.31
C PHE A 132 -18.01 4.33 -1.63
N THR A 133 -18.77 5.03 -2.49
CA THR A 133 -20.04 4.53 -2.96
C THR A 133 -20.04 4.52 -4.48
N VAL A 134 -20.90 3.66 -5.04
CA VAL A 134 -21.00 3.48 -6.49
C VAL A 134 -22.47 3.36 -6.83
N GLU A 135 -22.89 4.08 -7.87
CA GLU A 135 -24.26 3.97 -8.35
C GLU A 135 -24.31 4.29 -9.84
N ASN A 136 -25.35 3.81 -10.50
CA ASN A 136 -25.54 4.13 -11.92
C ASN A 136 -26.24 5.49 -12.06
N THR A 137 -26.00 6.18 -13.16
CA THR A 137 -26.58 7.51 -13.38
C THR A 137 -27.68 7.47 -14.43
N ASP A 138 -27.85 6.32 -15.06
CA ASP A 138 -28.88 6.10 -16.07
C ASP A 138 -29.67 4.86 -15.64
N PRO A 139 -31.01 4.98 -15.52
CA PRO A 139 -31.84 3.85 -15.07
C PRO A 139 -31.64 2.57 -15.87
N GLU A 140 -31.29 2.66 -17.14
CA GLU A 140 -31.08 1.45 -17.94
C GLU A 140 -29.80 0.69 -17.54
N CYS A 141 -28.92 1.35 -16.80
CA CYS A 141 -27.63 0.74 -16.42
C CYS A 141 -27.60 0.31 -14.96
N TYR A 142 -28.78 0.00 -14.41
CA TYR A 142 -28.91 -0.52 -13.04
C TYR A 142 -27.92 -1.68 -12.75
N TRP A 143 -27.62 -2.48 -13.79
CA TRP A 143 -26.77 -3.67 -13.67
C TRP A 143 -25.27 -3.32 -13.66
N LEU A 144 -24.92 -2.09 -14.01
CA LEU A 144 -23.52 -1.74 -14.21
C LEU A 144 -22.81 -1.57 -12.85
N THR A 145 -23.56 -1.18 -11.84
CA THR A 145 -23.00 -0.91 -10.52
C THR A 145 -22.18 -2.10 -9.99
N ASN A 146 -22.76 -3.28 -10.01
CA ASN A 146 -22.04 -4.43 -9.46
C ASN A 146 -21.25 -5.23 -10.48
N TRP A 147 -21.43 -4.94 -11.78
CA TRP A 147 -20.51 -5.47 -12.79
C TRP A 147 -19.09 -5.08 -12.43
N ILE A 148 -18.90 -3.82 -12.00
CA ILE A 148 -17.57 -3.29 -11.73
C ILE A 148 -17.11 -3.51 -10.28
N GLU A 149 -17.88 -4.27 -9.50
CA GLU A 149 -17.49 -4.60 -8.11
C GLU A 149 -16.12 -5.27 -8.11
N THR A 150 -15.96 -6.28 -8.96
CA THR A 150 -14.70 -7.06 -8.96
C THR A 150 -13.47 -6.17 -9.12
N ILE A 151 -13.52 -5.23 -10.05
CA ILE A 151 -12.35 -4.41 -10.27
C ILE A 151 -12.16 -3.41 -9.13
N LEU A 152 -13.25 -2.88 -8.59
CA LEU A 152 -13.11 -1.89 -7.54
C LEU A 152 -12.65 -2.50 -6.22
N VAL A 153 -13.08 -3.72 -5.97
CA VAL A 153 -12.78 -4.38 -4.68
C VAL A 153 -11.29 -4.63 -4.55
N GLN A 154 -10.59 -4.73 -5.69
CA GLN A 154 -9.13 -4.84 -5.63
C GLN A 154 -8.45 -3.64 -4.99
N SER A 155 -9.19 -2.55 -4.75
CA SER A 155 -8.64 -1.44 -3.97
C SER A 155 -8.24 -1.93 -2.55
N TRP A 156 -8.73 -3.10 -2.14
CA TRP A 156 -8.35 -3.67 -0.85
C TRP A 156 -6.83 -3.69 -0.69
N TYR A 157 -6.12 -3.93 -1.80
CA TYR A 157 -4.66 -4.16 -1.70
C TYR A 157 -3.88 -2.88 -1.38
N PRO A 158 -4.02 -1.81 -2.19
CA PRO A 158 -3.32 -0.58 -1.81
C PRO A 158 -3.77 -0.01 -0.45
N ILE A 159 -5.05 -0.16 -0.11
CA ILE A 159 -5.54 0.31 1.19
C ILE A 159 -4.80 -0.47 2.29
N THR A 160 -4.74 -1.78 2.12
CA THR A 160 -4.13 -2.63 3.16
C THR A 160 -2.61 -2.46 3.27
N VAL A 161 -1.95 -2.33 2.13
CA VAL A 161 -0.49 -2.12 2.14
C VAL A 161 -0.18 -0.76 2.79
N ALA A 162 -0.92 0.27 2.39
CA ALA A 162 -0.68 1.64 2.90
C ALA A 162 -0.91 1.67 4.41
N THR A 163 -1.91 0.92 4.84
CA THR A 163 -2.25 0.85 6.26
C THR A 163 -1.16 0.13 7.06
N ASN A 164 -0.71 -1.00 6.53
CA ASN A 164 0.26 -1.80 7.23
C ASN A 164 1.60 -1.02 7.38
N PHE A 165 2.00 -0.33 6.33
CA PHE A 165 3.25 0.42 6.40
C PHE A 165 3.12 1.64 7.34
N ARG A 166 1.94 2.25 7.38
CA ARG A 166 1.71 3.32 8.38
C ARG A 166 1.83 2.80 9.80
N GLU A 167 1.28 1.63 10.08
CA GLU A 167 1.46 1.01 11.40
C GLU A 167 2.91 0.70 11.75
N GLN A 168 3.69 0.24 10.78
CA GLN A 168 5.11 0.02 11.01
C GLN A 168 5.82 1.37 11.25
N LYS A 169 5.40 2.40 10.53
CA LYS A 169 5.99 3.72 10.72
C LYS A 169 5.73 4.25 12.15
N LYS A 170 4.56 3.94 12.70
CA LYS A 170 4.27 4.34 14.07
C LYS A 170 5.24 3.69 15.06
N ILE A 171 5.56 2.40 14.84
CA ILE A 171 6.45 1.71 15.74
C ILE A 171 7.83 2.35 15.64
N LEU A 172 8.28 2.62 14.42
CA LEU A 172 9.62 3.17 14.21
C LEU A 172 9.70 4.57 14.82
N ALA A 173 8.64 5.35 14.65
CA ALA A 173 8.63 6.73 15.17
C ALA A 173 8.74 6.72 16.71
N LYS A 174 7.97 5.85 17.36
CA LYS A 174 7.98 5.74 18.81
C LYS A 174 9.39 5.44 19.35
N TYR A 175 10.02 4.44 18.76
CA TYR A 175 11.34 4.00 19.23
C TYR A 175 12.46 4.96 18.81
N LEU A 176 12.36 5.55 17.63
CA LEU A 176 13.36 6.52 17.21
C LEU A 176 13.29 7.77 18.12
N LEU A 177 12.08 8.23 18.42
CA LEU A 177 11.92 9.37 19.33
C LEU A 177 12.45 9.05 20.73
N GLU A 178 12.08 7.89 21.24
CA GLU A 178 12.54 7.48 22.57
C GLU A 178 14.06 7.36 22.68
N THR A 179 14.71 6.82 21.65
CA THR A 179 16.15 6.54 21.75
C THR A 179 17.05 7.65 21.20
N SER A 180 16.49 8.58 20.42
CA SER A 180 17.28 9.65 19.83
C SER A 180 16.79 11.07 20.19
N GLY A 181 15.53 11.21 20.60
CA GLY A 181 14.96 12.52 20.87
C GLY A 181 14.38 13.27 19.68
N ASN A 182 14.45 12.69 18.48
CA ASN A 182 13.86 13.32 17.30
C ASN A 182 13.45 12.25 16.28
N LEU A 183 12.90 12.69 15.15
CA LEU A 183 12.45 11.76 14.11
C LEU A 183 13.27 11.88 12.84
N ASP A 184 14.48 12.44 12.95
CA ASP A 184 15.32 12.59 11.76
C ASP A 184 15.54 11.26 11.02
N GLY A 185 15.21 11.25 9.74
CA GLY A 185 15.47 10.10 8.91
C GLY A 185 14.37 9.04 9.00
N LEU A 186 13.31 9.33 9.75
CA LEU A 186 12.22 8.35 9.92
C LEU A 186 11.74 7.81 8.57
N GLU A 187 11.64 8.72 7.60
CA GLU A 187 11.05 8.38 6.31
C GLU A 187 11.96 7.52 5.42
N TYR A 188 13.18 7.23 5.90
CA TYR A 188 14.11 6.31 5.24
C TYR A 188 14.41 5.05 6.06
N LYS A 189 13.62 4.79 7.10
CA LYS A 189 13.93 3.70 8.03
C LYS A 189 13.33 2.34 7.59
N LEU A 190 12.44 2.35 6.60
CA LEU A 190 11.84 1.08 6.14
C LEU A 190 11.86 1.10 4.63
N HIS A 191 12.84 0.41 4.05
CA HIS A 191 13.11 0.47 2.61
C HIS A 191 12.37 -0.68 1.92
N ASP A 192 11.70 -0.44 0.80
CA ASP A 192 10.96 -1.51 0.12
C ASP A 192 11.90 -2.42 -0.67
N PHE A 193 11.99 -3.69 -0.25
CA PHE A 193 12.75 -4.73 -0.97
C PHE A 193 11.81 -5.76 -1.63
N GLY A 194 10.52 -5.45 -1.72
CA GLY A 194 9.55 -6.51 -2.05
C GLY A 194 9.25 -6.85 -3.51
N TYR A 195 10.04 -6.33 -4.43
CA TYR A 195 9.69 -6.42 -5.86
C TYR A 195 9.56 -7.90 -6.32
N ARG A 196 10.59 -8.70 -6.03
CA ARG A 196 10.64 -10.07 -6.54
C ARG A 196 9.65 -11.01 -5.85
N GLY A 197 9.29 -10.66 -4.62
CA GLY A 197 8.44 -11.52 -3.81
C GLY A 197 6.95 -11.29 -3.90
N VAL A 198 6.51 -10.35 -4.73
CA VAL A 198 5.09 -10.28 -5.01
C VAL A 198 4.74 -10.99 -6.31
N SER A 199 3.45 -11.01 -6.62
CA SER A 199 2.89 -11.94 -7.58
C SER A 199 2.91 -11.47 -9.05
N SER A 200 3.18 -10.19 -9.29
CA SER A 200 3.19 -9.70 -10.68
C SER A 200 3.84 -8.32 -10.75
N GLN A 201 4.18 -7.92 -11.97
CA GLN A 201 4.68 -6.57 -12.21
C GLN A 201 3.66 -5.51 -11.78
N GLU A 202 2.39 -5.71 -12.11
CA GLU A 202 1.37 -4.70 -11.78
C GLU A 202 1.24 -4.59 -10.26
N THR A 203 1.19 -5.73 -9.60
CA THR A 203 1.13 -5.74 -8.14
C THR A 203 2.34 -5.06 -7.52
N ALA A 204 3.53 -5.32 -8.04
CA ALA A 204 4.74 -4.64 -7.56
C ALA A 204 4.54 -3.12 -7.61
N GLY A 205 4.03 -2.61 -8.73
CA GLY A 205 3.87 -1.16 -8.84
C GLY A 205 2.85 -0.60 -7.82
N ILE A 206 1.72 -1.28 -7.69
CA ILE A 206 0.62 -0.81 -6.82
C ILE A 206 1.10 -0.84 -5.38
N GLY A 207 1.69 -1.96 -4.98
CA GLY A 207 2.11 -2.13 -3.59
C GLY A 207 3.21 -1.14 -3.24
N ALA A 208 4.14 -0.94 -4.17
CA ALA A 208 5.25 -0.01 -3.91
C ALA A 208 4.69 1.41 -3.75
N SER A 209 3.73 1.76 -4.60
CA SER A 209 3.13 3.09 -4.47
C SER A 209 2.50 3.29 -3.08
N ALA A 210 1.86 2.24 -2.55
CA ALA A 210 1.28 2.29 -1.21
C ALA A 210 2.34 2.40 -0.10
N HIS A 211 3.47 1.68 -0.24
CA HIS A 211 4.62 1.89 0.63
C HIS A 211 5.07 3.36 0.61
N LEU A 212 5.15 3.95 -0.59
CA LEU A 212 5.69 5.32 -0.74
C LEU A 212 4.77 6.42 -0.20
N VAL A 213 3.55 6.06 0.17
CA VAL A 213 2.65 6.99 0.84
C VAL A 213 3.26 7.29 2.21
N ASN A 214 4.02 6.32 2.73
CA ASN A 214 4.57 6.39 4.08
C ASN A 214 6.07 6.63 4.16
N PHE A 215 6.81 6.12 3.17
CA PHE A 215 8.28 6.16 3.23
C PHE A 215 8.87 6.69 1.93
N LYS A 216 10.19 6.95 1.92
CA LYS A 216 10.80 7.50 0.71
C LYS A 216 11.94 6.64 0.10
N GLY A 217 12.28 5.54 0.77
CA GLY A 217 13.32 4.64 0.26
C GLY A 217 12.74 3.38 -0.37
N THR A 218 13.04 3.17 -1.65
CA THR A 218 12.52 2.00 -2.34
C THR A 218 13.49 1.42 -3.40
N ASP A 219 13.48 0.10 -3.55
CA ASP A 219 14.12 -0.54 -4.69
C ASP A 219 13.10 -1.03 -5.73
N THR A 220 11.82 -0.83 -5.46
CA THR A 220 10.78 -1.30 -6.38
C THR A 220 10.50 -0.19 -7.39
N VAL A 221 11.29 -0.21 -8.47
CA VAL A 221 11.27 0.90 -9.42
C VAL A 221 9.90 1.09 -10.08
N ALA A 222 9.16 -0.01 -10.23
CA ALA A 222 7.81 0.02 -10.79
C ALA A 222 6.90 1.01 -10.06
N GLY A 223 7.13 1.20 -8.77
CA GLY A 223 6.34 2.15 -7.97
C GLY A 223 6.55 3.59 -8.43
N LEU A 224 7.78 3.94 -8.81
CA LEU A 224 8.04 5.29 -9.32
C LEU A 224 7.20 5.60 -10.57
N ALA A 225 7.16 4.65 -11.49
CA ALA A 225 6.48 4.84 -12.76
C ALA A 225 4.98 4.99 -12.56
N LEU A 226 4.42 4.18 -11.66
CA LEU A 226 2.98 4.22 -11.43
C LEU A 226 2.59 5.58 -10.86
N ILE A 227 3.35 6.05 -9.89
CA ILE A 227 3.01 7.29 -9.20
C ILE A 227 3.11 8.48 -10.17
N LYS A 228 4.15 8.48 -11.00
CA LYS A 228 4.32 9.59 -11.96
C LYS A 228 3.15 9.65 -12.95
N LYS A 229 2.68 8.49 -13.39
CA LYS A 229 1.61 8.44 -14.40
C LYS A 229 0.22 8.73 -13.85
N TYR A 230 -0.07 8.28 -12.64
CA TYR A 230 -1.45 8.31 -12.16
C TYR A 230 -1.77 9.29 -11.00
N TYR A 231 -0.74 9.80 -10.35
CA TYR A 231 -0.88 10.69 -9.20
C TYR A 231 -0.06 11.98 -9.35
N GLY A 232 1.21 11.85 -9.75
CA GLY A 232 2.10 12.99 -9.91
C GLY A 232 2.80 13.39 -8.62
N THR A 233 4.05 13.79 -8.72
CA THR A 233 4.81 14.15 -7.52
C THR A 233 5.40 15.55 -7.57
N LYS A 234 5.58 16.09 -6.38
CA LYS A 234 6.27 17.36 -6.13
C LYS A 234 7.68 17.33 -6.70
N ASP A 235 8.43 16.27 -6.39
CA ASP A 235 9.82 16.15 -6.81
C ASP A 235 9.90 15.27 -8.06
N PRO A 236 11.05 15.30 -8.77
CA PRO A 236 11.17 14.49 -9.98
C PRO A 236 10.81 13.02 -9.76
N VAL A 237 11.26 12.42 -8.67
CA VAL A 237 10.82 11.08 -8.29
C VAL A 237 10.36 11.06 -6.83
N PRO A 238 9.45 10.13 -6.48
CA PRO A 238 8.90 10.06 -5.12
C PRO A 238 9.73 9.21 -4.16
N GLY A 239 10.74 8.51 -4.67
CA GLY A 239 11.52 7.63 -3.82
C GLY A 239 12.94 7.45 -4.29
N TYR A 240 13.81 7.05 -3.35
CA TYR A 240 15.25 7.03 -3.57
C TYR A 240 15.93 5.72 -3.19
N SER A 241 17.11 5.48 -3.73
CA SER A 241 17.91 4.36 -3.27
C SER A 241 19.39 4.72 -3.38
N VAL A 242 20.26 3.80 -2.99
CA VAL A 242 21.73 3.97 -3.05
C VAL A 242 22.36 2.66 -3.48
N PRO A 243 23.64 2.70 -3.93
CA PRO A 243 24.25 1.46 -4.39
C PRO A 243 24.41 0.41 -3.28
N ALA A 244 24.40 -0.84 -3.69
CA ALA A 244 24.49 -1.96 -2.75
C ALA A 244 24.88 -3.25 -3.45
N ALA A 245 25.56 -4.13 -2.72
CA ALA A 245 25.89 -5.45 -3.21
C ALA A 245 24.71 -6.39 -3.16
N GLU A 246 24.82 -7.52 -3.86
CA GLU A 246 23.92 -8.63 -3.58
C GLU A 246 24.84 -9.83 -3.40
N HIS A 247 24.30 -10.97 -2.97
CA HIS A 247 25.16 -12.13 -2.76
C HIS A 247 26.00 -12.48 -3.98
N SER A 248 25.40 -12.44 -5.17
CA SER A 248 26.11 -12.79 -6.39
C SER A 248 27.34 -11.92 -6.64
N THR A 249 27.28 -10.64 -6.29
CA THR A 249 28.48 -9.81 -6.55
C THR A 249 29.59 -10.01 -5.52
N ILE A 250 29.29 -10.73 -4.45
CA ILE A 250 30.31 -11.12 -3.47
C ILE A 250 30.82 -12.54 -3.79
N THR A 251 29.88 -13.48 -3.97
CA THR A 251 30.28 -14.88 -4.16
C THR A 251 30.99 -15.12 -5.51
N ALA A 252 30.70 -14.28 -6.50
CA ALA A 252 31.37 -14.41 -7.81
C ALA A 252 32.90 -14.32 -7.71
N TRP A 253 33.39 -13.69 -6.65
CA TRP A 253 34.83 -13.53 -6.43
C TRP A 253 35.49 -14.84 -5.97
N GLY A 254 34.67 -15.76 -5.49
CA GLY A 254 35.15 -17.01 -4.95
C GLY A 254 35.21 -16.93 -3.44
N LYS A 255 35.00 -18.07 -2.79
CA LYS A 255 34.89 -18.14 -1.34
C LYS A 255 36.05 -17.47 -0.60
N ASP A 256 37.27 -17.72 -1.06
CA ASP A 256 38.45 -17.22 -0.37
C ASP A 256 38.74 -15.76 -0.63
N HIS A 257 37.92 -15.12 -1.47
CA HIS A 257 38.16 -13.72 -1.83
C HIS A 257 37.04 -12.75 -1.44
N GLU A 258 36.30 -13.07 -0.38
CA GLU A 258 35.24 -12.18 0.10
C GLU A 258 35.80 -10.79 0.45
N LYS A 259 36.99 -10.78 1.06
CA LYS A 259 37.65 -9.52 1.41
C LYS A 259 37.92 -8.68 0.17
N ASP A 260 38.36 -9.34 -0.90
CA ASP A 260 38.65 -8.64 -2.15
C ASP A 260 37.39 -8.03 -2.76
N ALA A 261 36.27 -8.77 -2.64
CA ALA A 261 34.98 -8.25 -3.09
C ALA A 261 34.58 -7.02 -2.30
N PHE A 262 34.69 -7.09 -0.97
CA PHE A 262 34.31 -5.97 -0.11
C PHE A 262 35.12 -4.72 -0.46
N GLU A 263 36.43 -4.93 -0.60
CA GLU A 263 37.35 -3.82 -0.87
C GLU A 263 37.00 -3.21 -2.22
N HIS A 264 36.73 -4.05 -3.21
CA HIS A 264 36.45 -3.57 -4.56
C HIS A 264 35.20 -2.72 -4.53
N ILE A 265 34.18 -3.23 -3.87
CA ILE A 265 32.88 -2.57 -3.89
C ILE A 265 32.89 -1.23 -3.14
N VAL A 266 33.46 -1.19 -1.95
CA VAL A 266 33.44 0.06 -1.20
C VAL A 266 34.31 1.13 -1.88
N THR A 267 35.34 0.67 -2.60
CA THR A 267 36.23 1.58 -3.35
C THR A 267 35.53 2.15 -4.60
N GLN A 268 34.84 1.28 -5.33
CA GLN A 268 34.01 1.72 -6.45
C GLN A 268 32.95 2.73 -6.02
N PHE A 269 32.49 2.64 -4.77
CA PHE A 269 31.49 3.57 -4.24
C PHE A 269 32.00 4.34 -3.03
N SER A 270 33.15 5.00 -3.21
CA SER A 270 33.86 5.58 -2.09
C SER A 270 33.19 6.85 -1.57
N SER A 271 32.40 7.51 -2.42
CA SER A 271 31.87 8.84 -2.12
C SER A 271 30.36 8.95 -1.98
N VAL A 272 29.67 7.82 -2.03
CA VAL A 272 28.23 7.78 -1.81
C VAL A 272 27.94 6.67 -0.81
N PRO A 273 26.75 6.67 -0.19
CA PRO A 273 26.46 5.56 0.72
C PRO A 273 26.47 4.25 -0.05
N VAL A 274 26.91 3.18 0.59
CA VAL A 274 26.91 1.89 -0.05
C VAL A 274 26.56 0.86 1.00
N SER A 275 25.71 -0.10 0.63
CA SER A 275 25.37 -1.17 1.56
C SER A 275 25.94 -2.49 1.05
N VAL A 276 26.53 -3.29 1.96
CA VAL A 276 27.20 -4.51 1.55
C VAL A 276 26.76 -5.69 2.39
N VAL A 277 26.06 -6.63 1.76
CA VAL A 277 25.61 -7.85 2.44
C VAL A 277 26.83 -8.64 2.89
N SER A 278 26.81 -9.02 4.17
CA SER A 278 28.02 -9.52 4.79
C SER A 278 27.88 -10.92 5.35
N ASP A 279 26.79 -11.62 5.02
CA ASP A 279 26.57 -12.95 5.57
C ASP A 279 26.76 -14.11 4.56
N SER A 280 27.35 -13.85 3.40
CA SER A 280 27.58 -14.93 2.41
C SER A 280 28.16 -16.22 2.98
N TYR A 281 29.10 -16.11 3.91
CA TYR A 281 29.72 -17.29 4.49
C TYR A 281 29.70 -17.27 6.02
N ASP A 282 29.99 -16.11 6.60
CA ASP A 282 30.06 -15.99 8.04
C ASP A 282 29.99 -14.52 8.40
N ILE A 283 28.77 -14.08 8.74
CA ILE A 283 28.48 -12.68 9.10
C ILE A 283 29.38 -12.16 10.23
N TYR A 284 29.66 -13.02 11.21
CA TYR A 284 30.38 -12.58 12.42
C TYR A 284 31.86 -12.37 12.16
N ASN A 285 32.44 -13.29 11.39
CA ASN A 285 33.79 -13.10 10.89
C ASN A 285 33.90 -11.90 9.94
N ALA A 286 32.90 -11.76 9.06
CA ALA A 286 32.90 -10.60 8.16
C ALA A 286 32.95 -9.27 8.93
N CYS A 287 32.13 -9.15 9.97
CA CYS A 287 32.07 -7.90 10.72
C CYS A 287 33.29 -7.68 11.59
N GLU A 288 33.74 -8.74 12.25
CA GLU A 288 34.81 -8.60 13.23
C GLU A 288 36.20 -8.53 12.62
N LYS A 289 36.43 -9.40 11.64
CA LYS A 289 37.75 -9.55 11.06
C LYS A 289 37.93 -8.80 9.76
N ILE A 290 36.98 -8.93 8.84
CA ILE A 290 37.12 -8.26 7.56
C ILE A 290 36.86 -6.75 7.65
N TRP A 291 35.65 -6.34 8.01
CA TRP A 291 35.35 -4.93 8.20
C TRP A 291 36.10 -4.37 9.41
N GLY A 292 36.19 -5.17 10.48
CA GLY A 292 36.66 -4.66 11.76
C GLY A 292 38.18 -4.55 11.88
N GLU A 293 38.89 -5.20 10.96
CA GLU A 293 40.36 -5.30 11.02
C GLU A 293 40.99 -5.08 9.63
N ASP A 294 40.85 -6.07 8.75
CA ASP A 294 41.47 -6.01 7.41
C ASP A 294 41.13 -4.75 6.61
N LEU A 295 39.86 -4.37 6.56
CA LEU A 295 39.45 -3.22 5.75
C LEU A 295 39.06 -2.02 6.60
N ARG A 296 39.39 -2.05 7.89
CA ARG A 296 38.90 -1.00 8.80
C ARG A 296 39.32 0.41 8.38
N HIS A 297 40.51 0.50 7.81
CA HIS A 297 41.03 1.76 7.30
C HIS A 297 40.19 2.36 6.17
N LEU A 298 39.49 1.51 5.41
CA LEU A 298 38.59 1.96 4.34
C LEU A 298 37.20 2.40 4.84
N ILE A 299 36.91 2.08 6.09
CA ILE A 299 35.63 2.45 6.69
C ILE A 299 35.77 3.76 7.44
N VAL A 300 36.78 3.86 8.32
CA VAL A 300 36.90 5.04 9.19
C VAL A 300 37.25 6.31 8.42
N SER A 301 37.63 6.16 7.15
CA SER A 301 37.97 7.29 6.29
C SER A 301 36.80 7.84 5.50
N ARG A 302 35.65 7.16 5.58
CA ARG A 302 34.47 7.54 4.78
C ARG A 302 33.74 8.78 5.33
N SER A 303 33.11 9.53 4.43
CA SER A 303 32.33 10.69 4.81
C SER A 303 31.04 10.32 5.55
N THR A 304 30.55 11.24 6.37
CA THR A 304 29.25 11.10 7.04
C THR A 304 28.13 10.98 6.01
N GLN A 305 28.33 11.58 4.86
CA GLN A 305 27.34 11.55 3.79
C GLN A 305 27.47 10.27 2.97
N ALA A 306 28.49 9.48 3.26
CA ALA A 306 28.71 8.24 2.52
C ALA A 306 29.08 7.07 3.44
N PRO A 307 28.20 6.72 4.40
CA PRO A 307 28.50 5.59 5.29
C PRO A 307 28.51 4.25 4.57
N LEU A 308 29.23 3.27 5.14
CA LEU A 308 29.04 1.87 4.84
C LEU A 308 27.84 1.38 5.67
N ILE A 309 26.91 0.72 5.00
CA ILE A 309 25.76 0.16 5.72
C ILE A 309 25.85 -1.38 5.63
N ILE A 310 26.20 -2.02 6.74
CA ILE A 310 26.45 -3.46 6.72
C ILE A 310 25.10 -4.19 6.79
N ARG A 311 24.91 -5.21 5.96
CA ARG A 311 23.65 -5.96 5.95
C ARG A 311 23.82 -7.43 6.32
N PRO A 312 23.34 -7.83 7.51
CA PRO A 312 23.17 -9.26 7.76
C PRO A 312 21.89 -9.71 7.04
N ASP A 313 21.75 -10.98 6.69
CA ASP A 313 20.58 -11.42 5.91
C ASP A 313 20.18 -12.85 6.24
N SER A 314 20.58 -13.31 7.43
CA SER A 314 20.24 -14.67 7.84
C SER A 314 20.41 -14.84 9.35
N GLY A 315 19.86 -15.94 9.87
CA GLY A 315 19.85 -16.17 11.30
C GLY A 315 18.59 -15.56 11.92
N ASN A 316 18.47 -15.70 13.23
CA ASN A 316 17.42 -15.02 13.97
C ASN A 316 17.61 -13.49 13.85
N PRO A 317 16.59 -12.76 13.36
CA PRO A 317 16.76 -11.32 13.08
C PRO A 317 17.21 -10.52 14.30
N LEU A 318 16.54 -10.70 15.44
CA LEU A 318 16.94 -9.92 16.61
C LEU A 318 18.34 -10.31 17.08
N ASP A 319 18.61 -11.61 17.17
CA ASP A 319 19.93 -12.04 17.67
C ASP A 319 21.04 -11.55 16.74
N THR A 320 20.82 -11.64 15.44
CA THR A 320 21.89 -11.30 14.51
C THR A 320 22.15 -9.78 14.53
N VAL A 321 21.10 -9.01 14.63
CA VAL A 321 21.28 -7.55 14.74
C VAL A 321 22.07 -7.15 15.99
N LEU A 322 21.64 -7.64 17.15
CA LEU A 322 22.37 -7.40 18.39
C LEU A 322 23.83 -7.86 18.32
N LYS A 323 24.08 -9.06 17.77
CA LYS A 323 25.45 -9.56 17.70
C LYS A 323 26.33 -8.74 16.73
N VAL A 324 25.76 -8.28 15.63
CA VAL A 324 26.46 -7.40 14.70
C VAL A 324 26.76 -6.04 15.35
N LEU A 325 25.78 -5.47 16.04
CA LEU A 325 26.02 -4.22 16.78
C LEU A 325 27.11 -4.40 17.81
N GLU A 326 27.03 -5.48 18.59
CA GLU A 326 28.03 -5.74 19.62
C GLU A 326 29.45 -5.80 19.03
N ILE A 327 29.58 -6.54 17.93
CA ILE A 327 30.88 -6.68 17.26
C ILE A 327 31.39 -5.31 16.77
N LEU A 328 30.54 -4.58 16.06
CA LEU A 328 30.98 -3.30 15.51
C LEU A 328 31.35 -2.32 16.64
N GLY A 329 30.57 -2.36 17.71
CA GLY A 329 30.80 -1.53 18.88
C GLY A 329 32.15 -1.82 19.54
N LYS A 330 32.64 -3.04 19.39
CA LYS A 330 33.95 -3.36 19.98
C LYS A 330 35.10 -3.02 19.04
N LYS A 331 34.81 -2.81 17.75
CA LYS A 331 35.85 -2.50 16.77
C LYS A 331 35.86 -1.03 16.34
N PHE A 332 34.78 -0.30 16.63
CA PHE A 332 34.68 1.08 16.18
C PHE A 332 34.36 2.00 17.34
N PRO A 333 34.72 3.30 17.20
CA PRO A 333 34.44 4.16 18.35
C PRO A 333 32.93 4.35 18.50
N VAL A 334 32.40 4.15 19.69
CA VAL A 334 30.97 4.35 19.94
C VAL A 334 30.76 5.56 20.83
N THR A 335 29.73 6.35 20.52
CA THR A 335 29.37 7.47 21.38
C THR A 335 28.06 7.17 22.08
N GLU A 336 27.72 8.01 23.06
CA GLU A 336 26.45 7.90 23.77
C GLU A 336 25.71 9.19 23.52
N ASN A 337 24.52 9.10 22.94
CA ASN A 337 23.78 10.30 22.62
C ASN A 337 23.12 10.94 23.85
N SER A 338 22.44 12.06 23.65
CA SER A 338 21.88 12.83 24.76
C SER A 338 20.75 12.08 25.49
N LYS A 339 20.23 11.02 24.86
CA LYS A 339 19.22 10.19 25.50
C LYS A 339 19.83 9.02 26.28
N GLY A 340 21.14 8.82 26.12
CA GLY A 340 21.83 7.76 26.84
C GLY A 340 22.05 6.50 26.02
N TYR A 341 21.72 6.56 24.73
CA TYR A 341 21.82 5.37 23.88
C TYR A 341 23.08 5.37 23.03
N LYS A 342 23.61 4.17 22.79
CA LYS A 342 24.81 3.98 22.01
C LYS A 342 24.64 4.25 20.52
N LEU A 343 25.66 4.87 19.94
CA LEU A 343 25.59 5.29 18.56
C LEU A 343 26.90 4.97 17.84
N LEU A 344 26.80 4.19 16.77
CA LEU A 344 27.95 3.90 15.93
C LEU A 344 28.49 5.22 15.35
N PRO A 345 29.75 5.23 14.87
CA PRO A 345 30.23 6.45 14.20
C PRO A 345 29.42 6.71 12.94
N PRO A 346 29.39 7.97 12.48
CA PRO A 346 28.49 8.36 11.40
C PRO A 346 28.81 7.71 10.04
N TYR A 347 29.97 7.09 9.90
CA TYR A 347 30.31 6.44 8.63
C TYR A 347 29.91 4.97 8.63
N LEU A 348 29.19 4.53 9.67
CA LEU A 348 28.86 3.10 9.78
C LEU A 348 27.45 2.89 10.28
N ARG A 349 26.67 2.10 9.54
CA ARG A 349 25.27 1.85 9.93
C ARG A 349 24.93 0.40 9.57
N VAL A 350 23.72 -0.05 9.94
CA VAL A 350 23.31 -1.43 9.71
C VAL A 350 21.91 -1.42 9.08
N ILE A 351 21.64 -2.39 8.21
CA ILE A 351 20.29 -2.55 7.70
C ILE A 351 19.93 -4.04 7.80
N GLN A 352 18.73 -4.31 8.31
CA GLN A 352 18.25 -5.69 8.42
C GLN A 352 17.05 -5.85 7.49
N GLY A 353 17.18 -6.72 6.48
CA GLY A 353 16.13 -6.86 5.50
C GLY A 353 15.71 -8.30 5.28
N ASP A 354 15.83 -9.12 6.31
CA ASP A 354 15.41 -10.52 6.25
C ASP A 354 14.39 -10.78 7.35
N GLY A 355 13.21 -11.27 6.96
CA GLY A 355 12.16 -11.62 7.91
C GLY A 355 11.55 -10.47 8.70
N VAL A 356 11.58 -9.25 8.16
CA VAL A 356 11.04 -8.11 8.89
C VAL A 356 9.57 -7.86 8.56
N ASP A 357 8.70 -8.17 9.52
CA ASP A 357 7.30 -7.79 9.40
C ASP A 357 6.89 -6.98 10.61
N ILE A 358 5.61 -6.71 10.75
CA ILE A 358 5.17 -5.80 11.80
C ILE A 358 5.49 -6.37 13.18
N ASN A 359 5.43 -7.69 13.32
CA ASN A 359 5.75 -8.28 14.61
C ASN A 359 7.25 -8.24 14.89
N THR A 360 8.04 -8.68 13.93
CA THR A 360 9.48 -8.78 14.16
C THR A 360 10.17 -7.41 14.20
N LEU A 361 9.68 -6.45 13.42
CA LEU A 361 10.17 -5.06 13.53
C LEU A 361 10.13 -4.57 14.97
N GLN A 362 8.97 -4.71 15.59
CA GLN A 362 8.74 -4.31 16.98
C GLN A 362 9.67 -5.07 17.92
N GLU A 363 9.82 -6.36 17.69
CA GLU A 363 10.75 -7.16 18.52
C GLU A 363 12.19 -6.66 18.46
N ILE A 364 12.65 -6.33 17.25
CA ILE A 364 14.01 -5.88 17.06
C ILE A 364 14.22 -4.49 17.72
N VAL A 365 13.33 -3.53 17.48
CA VAL A 365 13.59 -2.20 18.03
C VAL A 365 13.50 -2.24 19.55
N GLU A 366 12.62 -3.09 20.07
CA GLU A 366 12.52 -3.23 21.51
C GLU A 366 13.76 -3.91 22.08
N GLY A 367 14.29 -4.90 21.37
CA GLY A 367 15.47 -5.60 21.84
C GLY A 367 16.66 -4.66 21.79
N MET A 368 16.73 -3.84 20.75
CA MET A 368 17.77 -2.83 20.65
C MET A 368 17.70 -1.85 21.82
N LYS A 369 16.49 -1.38 22.11
CA LYS A 369 16.28 -0.44 23.19
C LYS A 369 16.75 -1.04 24.53
N GLN A 370 16.42 -2.31 24.77
CA GLN A 370 16.85 -2.97 25.99
C GLN A 370 18.37 -3.09 26.08
N LYS A 371 19.07 -3.23 24.95
CA LYS A 371 20.54 -3.31 24.97
C LYS A 371 21.18 -1.93 24.81
N MET A 372 20.37 -0.88 24.96
CA MET A 372 20.81 0.51 24.92
C MET A 372 21.41 0.97 23.60
N TRP A 373 20.90 0.43 22.48
CA TRP A 373 21.31 0.88 21.15
C TRP A 373 20.27 1.83 20.57
N SER A 374 20.71 2.97 20.06
CA SER A 374 19.81 3.91 19.40
C SER A 374 19.28 3.31 18.12
N ILE A 375 18.01 3.60 17.83
CA ILE A 375 17.41 3.22 16.55
C ILE A 375 18.04 4.01 15.38
N GLU A 376 18.82 5.05 15.69
CA GLU A 376 19.58 5.74 14.64
C GLU A 376 20.53 4.81 13.87
N ASN A 377 20.99 3.78 14.56
CA ASN A 377 21.99 2.87 14.00
C ASN A 377 21.48 1.99 12.87
N ILE A 378 20.16 1.80 12.81
CA ILE A 378 19.60 0.73 11.99
C ILE A 378 18.52 1.20 11.01
N ALA A 379 18.45 0.54 9.87
CA ALA A 379 17.32 0.69 8.97
C ALA A 379 16.79 -0.73 8.67
N PHE A 380 15.58 -0.81 8.12
CA PHE A 380 15.01 -2.12 7.81
C PHE A 380 14.61 -2.22 6.36
N GLY A 381 14.66 -3.43 5.80
CA GLY A 381 14.11 -3.68 4.48
C GLY A 381 12.90 -4.59 4.60
N SER A 382 11.85 -4.30 3.84
CA SER A 382 10.61 -5.07 3.93
C SER A 382 10.53 -5.93 2.67
N GLY A 383 10.15 -7.19 2.82
CA GLY A 383 10.18 -8.10 1.68
C GLY A 383 8.82 -8.29 1.02
N GLY A 384 8.73 -9.21 0.07
CA GLY A 384 7.49 -9.39 -0.68
C GLY A 384 6.49 -10.31 0.02
N GLY A 385 7.02 -11.27 0.79
CA GLY A 385 6.19 -12.20 1.53
C GLY A 385 5.26 -11.47 2.46
N LEU A 386 5.80 -10.42 3.09
CA LEU A 386 5.01 -9.48 3.90
C LEU A 386 3.69 -9.13 3.22
N LEU A 387 3.79 -8.64 2.01
CA LEU A 387 2.65 -8.13 1.28
C LEU A 387 1.81 -9.28 0.79
N GLN A 388 2.46 -10.38 0.41
CA GLN A 388 1.70 -11.54 -0.01
C GLN A 388 0.84 -12.01 1.14
N LYS A 389 1.37 -12.06 2.36
CA LYS A 389 0.52 -12.51 3.47
C LYS A 389 -0.70 -11.58 3.77
N LEU A 390 -0.74 -10.41 3.15
CA LEU A 390 -1.90 -9.52 3.35
C LEU A 390 -3.07 -10.02 2.51
N THR A 391 -4.25 -9.98 3.10
CA THR A 391 -5.45 -10.44 2.41
C THR A 391 -6.55 -9.41 2.61
N ARG A 392 -7.59 -9.55 1.80
CA ARG A 392 -8.74 -8.68 1.85
C ARG A 392 -9.45 -8.85 3.21
N ASP A 393 -9.19 -10.00 3.86
CA ASP A 393 -9.77 -10.30 5.18
C ASP A 393 -9.15 -9.54 6.35
N LEU A 394 -7.89 -9.10 6.19
CA LEU A 394 -7.21 -8.44 7.29
C LEU A 394 -7.98 -7.21 7.83
N LEU A 395 -8.40 -6.32 6.93
CA LEU A 395 -9.22 -5.17 7.32
C LEU A 395 -10.70 -5.40 6.99
N ASN A 396 -11.04 -6.61 6.57
CA ASN A 396 -12.42 -6.95 6.19
C ASN A 396 -13.00 -6.02 5.15
N CYS A 397 -12.26 -5.89 4.04
CA CYS A 397 -12.64 -5.03 2.93
C CYS A 397 -13.84 -5.61 2.22
N SER A 398 -14.92 -4.83 2.08
CA SER A 398 -16.21 -5.42 1.72
C SER A 398 -17.02 -4.45 0.86
N PHE A 399 -17.63 -4.97 -0.20
CA PHE A 399 -18.43 -4.16 -1.15
C PHE A 399 -19.84 -4.73 -1.12
N LYS A 400 -20.83 -3.89 -0.77
CA LYS A 400 -22.19 -4.40 -0.58
C LYS A 400 -23.22 -3.47 -1.18
N CYS A 401 -24.35 -4.03 -1.62
CA CYS A 401 -25.45 -3.20 -2.11
C CYS A 401 -26.26 -2.74 -0.88
N SER A 402 -26.48 -1.43 -0.73
CA SER A 402 -27.25 -0.92 0.42
C SER A 402 -28.57 -0.24 0.05
N TYR A 403 -28.78 0.05 -1.22
CA TYR A 403 -29.97 0.79 -1.64
C TYR A 403 -30.32 0.49 -3.10
N VAL A 404 -31.60 0.25 -3.37
CA VAL A 404 -32.06 0.14 -4.74
C VAL A 404 -33.31 1.00 -4.91
N VAL A 405 -33.56 1.43 -6.15
CA VAL A 405 -34.84 2.06 -6.48
C VAL A 405 -35.53 1.12 -7.46
N THR A 406 -36.70 0.63 -7.06
CA THR A 406 -37.50 -0.26 -7.88
C THR A 406 -38.93 0.29 -7.91
N ASN A 407 -39.51 0.39 -9.10
CA ASN A 407 -40.82 1.03 -9.26
C ASN A 407 -40.87 2.46 -8.68
N GLY A 408 -39.75 3.16 -8.79
CA GLY A 408 -39.63 4.53 -8.36
C GLY A 408 -39.50 4.71 -6.86
N LEU A 409 -39.46 3.60 -6.13
CA LEU A 409 -39.40 3.64 -4.67
C LEU A 409 -38.03 3.19 -4.14
N GLY A 410 -37.40 4.02 -3.30
CA GLY A 410 -36.11 3.65 -2.71
C GLY A 410 -36.30 2.61 -1.63
N ILE A 411 -35.46 1.58 -1.65
CA ILE A 411 -35.59 0.48 -0.71
C ILE A 411 -34.21 0.26 -0.06
N ASN A 412 -34.19 0.22 1.28
CA ASN A 412 -32.93 0.01 1.99
C ASN A 412 -32.66 -1.48 2.10
N VAL A 413 -31.53 -1.93 1.55
CA VAL A 413 -31.28 -3.35 1.48
C VAL A 413 -29.95 -3.71 2.14
N PHE A 414 -29.83 -4.98 2.52
CA PHE A 414 -28.71 -5.45 3.33
C PHE A 414 -28.76 -6.96 3.41
N LYS A 415 -27.66 -7.54 3.84
CA LYS A 415 -27.61 -8.97 4.19
C LYS A 415 -27.33 -9.08 5.68
N ASP A 416 -27.69 -10.21 6.26
CA ASP A 416 -27.55 -10.41 7.70
C ASP A 416 -27.62 -11.92 7.98
N PRO A 417 -26.55 -12.66 7.61
CA PRO A 417 -26.61 -14.12 7.71
C PRO A 417 -26.70 -14.56 9.17
N VAL A 418 -27.57 -15.53 9.44
CA VAL A 418 -27.88 -15.93 10.81
C VAL A 418 -26.64 -16.37 11.61
N ALA A 419 -25.70 -17.04 10.96
CA ALA A 419 -24.57 -17.64 11.66
C ALA A 419 -23.32 -16.76 11.67
N ASP A 420 -23.45 -15.51 11.25
CA ASP A 420 -22.30 -14.60 11.24
C ASP A 420 -22.73 -13.13 11.23
N PRO A 421 -23.07 -12.60 12.42
CA PRO A 421 -23.43 -11.17 12.54
C PRO A 421 -22.30 -10.21 12.08
N ASN A 422 -21.07 -10.69 11.97
CA ASN A 422 -19.97 -9.89 11.42
C ASN A 422 -20.14 -9.58 9.93
N LYS A 423 -20.98 -10.35 9.24
CA LYS A 423 -21.23 -10.16 7.82
C LYS A 423 -22.47 -9.29 7.50
N ARG A 424 -23.16 -8.80 8.55
CA ARG A 424 -24.25 -7.85 8.36
C ARG A 424 -23.74 -6.61 7.63
N SER A 425 -24.58 -6.02 6.77
CA SER A 425 -24.15 -4.84 6.01
C SER A 425 -25.01 -3.60 6.32
N LYS A 426 -24.55 -2.43 5.87
CA LYS A 426 -25.23 -1.18 6.15
C LYS A 426 -26.45 -1.00 5.23
N LYS A 427 -27.39 -0.16 5.65
CA LYS A 427 -28.68 -0.04 4.97
C LYS A 427 -28.90 1.35 4.40
N GLY A 428 -29.36 1.43 3.16
CA GLY A 428 -29.78 2.71 2.61
C GLY A 428 -28.66 3.59 2.09
N ARG A 429 -29.03 4.82 1.76
CA ARG A 429 -28.08 5.81 1.27
C ARG A 429 -27.12 6.24 2.38
N LEU A 430 -25.83 6.33 2.06
CA LEU A 430 -24.80 6.54 3.07
C LEU A 430 -24.10 7.87 2.90
N SER A 431 -23.60 8.42 4.00
CA SER A 431 -22.77 9.61 3.92
C SER A 431 -21.80 9.61 5.09
N LEU A 432 -20.69 10.32 4.94
CA LEU A 432 -19.60 10.30 5.91
C LEU A 432 -19.48 11.70 6.51
N HIS A 433 -19.38 11.78 7.84
CA HIS A 433 -19.41 13.08 8.51
C HIS A 433 -18.40 13.20 9.65
N ARG A 434 -18.08 14.44 9.97
CA ARG A 434 -17.39 14.75 11.23
C ARG A 434 -18.40 14.74 12.39
N THR A 435 -17.96 14.17 13.52
CA THR A 435 -18.77 14.20 14.72
C THR A 435 -18.45 15.50 15.47
N PRO A 436 -19.27 15.85 16.49
CA PRO A 436 -18.98 17.06 17.26
C PRO A 436 -17.60 17.00 17.92
N ALA A 437 -17.11 15.79 18.25
CA ALA A 437 -15.78 15.66 18.82
C ALA A 437 -14.71 15.50 17.74
N GLY A 438 -15.10 15.69 16.48
CA GLY A 438 -14.13 15.70 15.40
C GLY A 438 -13.70 14.35 14.84
N ASN A 439 -14.39 13.29 15.23
CA ASN A 439 -14.15 11.94 14.68
C ASN A 439 -15.00 11.73 13.45
N PHE A 440 -15.04 10.48 12.96
CA PHE A 440 -15.85 10.17 11.79
C PHE A 440 -17.08 9.38 12.14
N VAL A 441 -18.16 9.60 11.39
CA VAL A 441 -19.35 8.80 11.56
C VAL A 441 -20.01 8.56 10.21
N THR A 442 -20.49 7.35 10.01
CA THR A 442 -21.23 7.03 8.81
C THR A 442 -22.73 6.99 9.10
N LEU A 443 -23.47 7.77 8.34
CA LEU A 443 -24.92 7.85 8.54
C LEU A 443 -25.62 6.97 7.51
N GLU A 444 -26.53 6.12 7.96
CA GLU A 444 -27.24 5.21 7.08
C GLU A 444 -28.63 5.75 6.75
N GLU A 445 -29.34 5.03 5.89
CA GLU A 445 -30.75 5.31 5.59
C GLU A 445 -31.02 6.75 5.15
N GLY A 446 -30.04 7.39 4.51
CA GLY A 446 -30.24 8.72 3.96
C GLY A 446 -30.25 9.81 5.03
N LYS A 447 -29.95 9.44 6.27
CA LYS A 447 -30.05 10.36 7.39
C LYS A 447 -29.12 11.57 7.28
N GLY A 448 -28.09 11.47 6.43
CA GLY A 448 -27.22 12.60 6.14
C GLY A 448 -28.03 13.79 5.61
N ASP A 449 -29.16 13.51 4.97
CA ASP A 449 -30.01 14.56 4.39
C ASP A 449 -30.64 15.46 5.44
N LEU A 450 -30.65 15.00 6.69
CA LEU A 450 -31.23 15.78 7.77
C LEU A 450 -30.32 16.94 8.16
N GLU A 451 -29.06 16.87 7.72
CA GLU A 451 -28.10 17.95 7.92
C GLU A 451 -27.85 18.26 9.38
N GLU A 452 -27.92 17.23 10.23
CA GLU A 452 -27.61 17.40 11.65
C GLU A 452 -26.12 17.20 11.89
N TYR A 453 -25.40 16.70 10.90
CA TYR A 453 -23.98 16.37 11.05
C TYR A 453 -23.10 17.08 10.04
N GLY A 454 -23.54 18.22 9.53
CA GLY A 454 -22.75 18.94 8.56
C GLY A 454 -22.51 18.22 7.24
N GLN A 455 -21.48 18.68 6.54
CA GLN A 455 -21.21 18.31 5.15
C GLN A 455 -20.77 16.85 5.01
N ASP A 456 -21.28 16.17 3.98
CA ASP A 456 -20.82 14.82 3.60
C ASP A 456 -19.36 14.94 3.15
N LEU A 457 -18.51 14.07 3.70
CA LEU A 457 -17.09 14.14 3.42
C LEU A 457 -16.71 13.39 2.13
N LEU A 458 -17.63 12.58 1.60
CA LEU A 458 -17.36 11.92 0.32
C LEU A 458 -17.45 12.93 -0.81
N HIS A 459 -16.50 12.86 -1.74
CA HIS A 459 -16.48 13.71 -2.94
C HIS A 459 -16.80 12.88 -4.16
N THR A 460 -17.54 13.44 -5.13
CA THR A 460 -17.65 12.75 -6.41
C THR A 460 -16.28 12.70 -7.10
N VAL A 461 -15.73 11.50 -7.30
CA VAL A 461 -14.43 11.35 -7.94
C VAL A 461 -14.54 10.83 -9.38
N PHE A 462 -15.70 10.27 -9.73
CA PHE A 462 -15.92 9.73 -11.06
C PHE A 462 -17.38 9.92 -11.40
N LYS A 463 -17.65 10.46 -12.59
CA LYS A 463 -19.02 10.54 -13.06
C LYS A 463 -19.04 10.45 -14.58
N ASN A 464 -19.83 9.51 -15.09
CA ASN A 464 -20.04 9.35 -16.52
C ASN A 464 -18.77 9.32 -17.38
N GLY A 465 -17.77 8.57 -16.94
CA GLY A 465 -16.56 8.39 -17.72
C GLY A 465 -15.44 9.37 -17.42
N LYS A 466 -15.71 10.33 -16.55
CA LYS A 466 -14.75 11.36 -16.23
C LYS A 466 -14.31 11.27 -14.78
N VAL A 467 -13.02 11.46 -14.57
CA VAL A 467 -12.47 11.56 -13.22
C VAL A 467 -12.60 13.02 -12.78
N THR A 468 -13.53 13.25 -11.85
CA THR A 468 -14.00 14.60 -11.52
C THR A 468 -13.22 15.26 -10.38
N LYS A 469 -12.51 14.45 -9.59
CA LYS A 469 -11.65 14.97 -8.53
C LYS A 469 -10.44 14.06 -8.40
N SER A 470 -9.26 14.67 -8.35
CA SER A 470 -7.98 13.95 -8.35
C SER A 470 -7.13 14.44 -7.20
N TYR A 471 -6.21 13.57 -6.76
CA TYR A 471 -5.24 13.95 -5.74
C TYR A 471 -3.82 13.74 -6.23
N SER A 472 -2.94 14.71 -5.96
CA SER A 472 -1.53 14.49 -6.24
C SER A 472 -0.94 13.63 -5.14
N PHE A 473 0.22 13.03 -5.40
CA PHE A 473 0.85 12.16 -4.40
C PHE A 473 1.19 12.99 -3.17
N ASP A 474 1.46 14.28 -3.40
CA ASP A 474 1.74 15.20 -2.31
C ASP A 474 0.57 15.35 -1.34
N GLU A 475 -0.64 15.56 -1.86
CA GLU A 475 -1.81 15.69 -0.98
C GLU A 475 -2.02 14.37 -0.21
N ILE A 476 -1.83 13.25 -0.89
CA ILE A 476 -2.02 11.93 -0.25
C ILE A 476 -1.05 11.71 0.91
N ARG A 477 0.23 11.97 0.68
CA ARG A 477 1.24 11.88 1.73
C ARG A 477 0.92 12.78 2.93
N LYS A 478 0.48 14.00 2.64
CA LYS A 478 0.10 14.90 3.72
C LYS A 478 -1.07 14.35 4.53
N ASN A 479 -2.05 13.81 3.83
CA ASN A 479 -3.26 13.28 4.51
C ASN A 479 -2.88 12.08 5.39
N ALA A 480 -1.89 11.30 4.93
CA ALA A 480 -1.52 10.06 5.62
C ALA A 480 -0.49 10.22 6.74
N GLN A 481 -0.02 11.44 6.99
CA GLN A 481 0.98 11.68 8.03
C GLN A 481 0.58 11.17 9.40
N LEU A 482 1.57 10.80 10.21
CA LEU A 482 1.31 10.42 11.59
C LEU A 482 1.02 11.67 12.42
N ASN A 483 0.32 11.49 13.53
CA ASN A 483 0.14 12.57 14.51
C ASN A 483 1.46 13.03 15.11
N ILE A 484 2.31 12.08 15.48
CA ILE A 484 3.62 12.38 16.06
C ILE A 484 4.50 13.17 15.08
N GLU A 485 4.27 12.95 13.79
CA GLU A 485 4.92 13.75 12.75
C GLU A 485 4.37 15.18 12.75
N LEU A 486 3.09 15.33 13.04
CA LEU A 486 2.47 16.65 13.09
C LEU A 486 2.85 17.38 14.37
N GLU A 487 2.94 16.64 15.48
CA GLU A 487 3.37 17.23 16.75
C GLU A 487 4.87 17.48 16.76
#